data_7F6U
#
_entry.id   7F6U
#
_cell.length_a   44.420
_cell.length_b   108.610
_cell.length_c   163.170
_cell.angle_alpha   90.000
_cell.angle_beta   90.000
_cell.angle_gamma   90.000
#
_symmetry.space_group_name_H-M   'I 2 2 2'
#
loop_
_entity.id
_entity.type
_entity.pdbx_description
1 polymer 'Iron ABC transporter, periplasmic iron-binding protein'
2 non-polymer 'SODIUM ION'
3 non-polymer 'SULFATE ION'
4 non-polymer 'CARBON DIOXIDE'
5 non-polymer 1,2-ETHANEDIOL
6 non-polymer DI(HYDROXYETHYL)ETHER
7 non-polymer '2-HYDROXY BUTANE-1,4-DIOL'
8 non-polymer 2-(hydroxymethyl)butane-1,4-diol
9 non-polymer 'CACODYLATE ION'
10 water water
#
_entity_poly.entity_id   1
_entity_poly.type   'polypeptide(L)'
_entity_poly.pdbx_seq_one_letter_code
;MMQQSRPASDPQVVEAARKEGRLIIYSSTDQSSAQALLDDFRKLYPFIQIEYNDLGTQAIYDRFVSETAAGASSADLLWS
SAMELQVKLASEGYALPYDSPEAKNWPANARLGNLAYSTTLEPAVVVYNKRFLKPEEVPTTREGLARLLQEPRMRGRVAT
WDPERSAVGFTILKADYDRFPAFQELARAFGKAQAALYSSTGAAFEKVISGEHYLAYGFFGSAALLRQRTVKDLGIAYLT
DGTVAIQRVAFINKRAAHPNAAKLFLDYLLSLRGQNLMAYTALIFARRETVVGEATPQALYKAVGGKDKVYAIPVSTEIL
KNLDPAERMRFLTFWRQAVRGQ
;
_entity_poly.pdbx_strand_id   A
#
loop_
_chem_comp.id
_chem_comp.type
_chem_comp.name
_chem_comp.formula
1MI non-polymer 2-(hydroxymethyl)butane-1,4-diol 'C5 H12 O3'
BGQ non-polymer '2-HYDROXY BUTANE-1,4-DIOL' 'C4 H10 O3'
CAC non-polymer 'CACODYLATE ION' 'C2 H6 As O2 -1'
CO2 non-polymer 'CARBON DIOXIDE' 'C O2'
EDO non-polymer 1,2-ETHANEDIOL 'C2 H6 O2'
NA non-polymer 'SODIUM ION' 'Na 1'
PEG non-polymer DI(HYDROXYETHYL)ETHER 'C4 H10 O3'
SO4 non-polymer 'SULFATE ION' 'O4 S -2'
#
# COMPACT_ATOMS: atom_id res chain seq x y z
N MET A 2 16.72 9.39 22.34
CA MET A 2 16.14 8.43 21.35
C MET A 2 16.11 6.99 21.92
N GLN A 3 16.98 6.65 22.89
CA GLN A 3 17.43 5.26 23.20
C GLN A 3 16.28 4.36 23.66
N GLN A 4 15.38 4.87 24.51
CA GLN A 4 14.24 4.09 25.07
C GLN A 4 13.36 3.47 23.95
N SER A 5 13.44 3.92 22.68
CA SER A 5 12.57 3.44 21.55
C SER A 5 13.32 2.61 20.49
N ARG A 6 14.55 2.14 20.76
CA ARG A 6 15.28 1.12 19.95
C ARG A 6 14.32 -0.05 19.67
N PRO A 7 14.31 -0.63 18.44
CA PRO A 7 13.61 -1.90 18.20
C PRO A 7 14.15 -3.04 19.07
N ALA A 8 13.28 -4.00 19.42
CA ALA A 8 13.66 -5.23 20.16
C ALA A 8 14.65 -6.00 19.28
N SER A 9 15.76 -6.46 19.84
CA SER A 9 16.85 -7.11 19.06
C SER A 9 17.32 -8.36 19.79
N ASP A 10 17.71 -9.37 19.02
CA ASP A 10 18.52 -10.50 19.53
C ASP A 10 20.00 -10.08 19.46
N PRO A 11 20.78 -10.13 20.57
CA PRO A 11 22.20 -9.78 20.51
C PRO A 11 22.97 -10.59 19.46
N GLN A 12 22.68 -11.89 19.34
CA GLN A 12 23.30 -12.79 18.33
C GLN A 12 23.05 -12.18 16.94
N VAL A 13 21.79 -11.77 16.65
CA VAL A 13 21.48 -11.20 15.31
C VAL A 13 22.46 -10.00 15.07
N VAL A 14 22.35 -9.01 15.98
CA VAL A 14 23.05 -7.69 15.86
C VAL A 14 24.55 -7.95 15.59
N GLU A 15 25.11 -8.96 16.27
CA GLU A 15 26.54 -9.30 16.15
C GLU A 15 26.83 -9.97 14.78
N ALA A 16 25.91 -10.80 14.28
CA ALA A 16 25.97 -11.35 12.91
C ALA A 16 26.02 -10.17 11.90
N ALA A 17 24.93 -9.28 12.03
CA ALA A 17 24.64 -8.11 11.14
C ALA A 17 25.85 -7.12 11.04
N ARG A 18 26.53 -6.97 12.23
CA ARG A 18 27.90 -6.39 12.42
C ARG A 18 28.95 -7.02 11.45
N LYS A 19 28.96 -8.36 11.33
CA LYS A 19 29.96 -9.08 10.50
C LYS A 19 29.69 -8.95 9.01
N GLU A 20 28.39 -8.97 8.65
CA GLU A 20 27.92 -8.86 7.26
C GLU A 20 28.33 -7.42 6.81
N GLY A 21 27.78 -6.43 7.56
CA GLY A 21 27.88 -4.95 7.33
C GLY A 21 26.90 -4.33 6.22
N ARG A 22 25.96 -5.14 5.60
CA ARG A 22 25.40 -4.79 4.26
C ARG A 22 23.87 -5.11 4.23
N LEU A 23 23.19 -4.48 3.28
CA LEU A 23 21.70 -4.70 3.30
C LEU A 23 21.07 -4.28 2.01
N ILE A 24 20.61 -5.24 1.21
CA ILE A 24 20.18 -4.94 -0.24
C ILE A 24 18.68 -4.95 -0.18
N ILE A 25 18.17 -3.78 -0.45
CA ILE A 25 16.71 -3.68 -0.49
C ILE A 25 16.40 -3.55 -2.01
N TYR A 26 15.49 -4.36 -2.50
CA TYR A 26 14.60 -3.96 -3.65
C TYR A 26 13.21 -3.56 -3.03
N SER A 27 12.75 -2.33 -3.35
CA SER A 27 11.55 -1.68 -2.71
C SER A 27 10.76 -0.90 -3.76
N SER A 28 9.44 -0.90 -3.60
CA SER A 28 8.45 -0.12 -4.40
C SER A 28 8.13 1.24 -3.71
N THR A 29 8.49 1.37 -2.44
CA THR A 29 8.52 2.70 -1.75
C THR A 29 9.57 3.63 -2.38
N ASP A 30 9.07 4.73 -2.94
CA ASP A 30 9.89 5.84 -3.44
CA ASP A 30 9.87 5.88 -3.42
C ASP A 30 10.96 6.14 -2.38
N GLN A 31 12.23 6.22 -2.83
CA GLN A 31 13.35 6.48 -1.90
C GLN A 31 12.98 7.80 -1.04
N SER A 32 12.51 8.83 -1.72
CA SER A 32 12.41 10.20 -1.11
C SER A 32 11.34 10.18 0.05
N SER A 33 10.48 9.14 -0.02
CA SER A 33 9.57 8.75 1.11
C SER A 33 10.25 7.78 2.11
N ALA A 34 11.13 6.87 1.66
CA ALA A 34 11.78 5.91 2.57
C ALA A 34 12.94 6.57 3.29
N GLN A 35 13.51 7.68 2.70
CA GLN A 35 14.85 8.16 3.14
C GLN A 35 14.89 8.23 4.68
N ALA A 36 13.85 8.87 5.28
CA ALA A 36 13.87 9.22 6.73
C ALA A 36 14.00 7.90 7.51
N LEU A 37 13.46 6.81 6.96
CA LEU A 37 13.58 5.47 7.61
C LEU A 37 14.98 4.82 7.46
N LEU A 38 15.54 4.93 6.24
CA LEU A 38 16.97 4.57 5.95
C LEU A 38 17.89 5.30 6.94
N ASP A 39 17.91 6.69 6.85
CA ASP A 39 18.79 7.56 7.70
C ASP A 39 18.62 7.10 9.17
N ASP A 40 17.39 7.01 9.68
CA ASP A 40 17.18 6.70 11.13
C ASP A 40 17.55 5.22 11.48
N PHE A 41 17.32 4.31 10.53
CA PHE A 41 17.79 2.91 10.66
C PHE A 41 19.31 2.88 10.79
N ARG A 42 20.05 3.69 10.00
CA ARG A 42 21.56 3.70 9.96
C ARG A 42 22.10 4.25 11.30
N LYS A 43 21.40 5.25 11.88
CA LYS A 43 21.75 5.92 13.17
C LYS A 43 21.70 4.88 14.30
N LEU A 44 20.77 3.91 14.25
CA LEU A 44 20.62 2.77 15.22
C LEU A 44 21.67 1.63 14.97
N TYR A 45 21.93 1.34 13.73
CA TYR A 45 23.04 0.41 13.23
C TYR A 45 23.83 1.16 12.12
N PRO A 46 24.83 1.98 12.62
CA PRO A 46 25.66 2.77 11.71
C PRO A 46 26.68 1.87 10.94
N PHE A 47 26.83 0.60 11.38
CA PHE A 47 27.72 -0.42 10.73
C PHE A 47 26.95 -1.24 9.60
N ILE A 48 25.80 -0.63 9.10
CA ILE A 48 25.16 -1.32 7.92
C ILE A 48 25.04 -0.40 6.70
N GLN A 49 25.82 -0.75 5.60
CA GLN A 49 25.87 0.02 4.30
C GLN A 49 24.70 -0.50 3.46
N ILE A 50 23.67 0.36 3.22
CA ILE A 50 22.33 0.03 2.60
C ILE A 50 22.28 0.37 1.08
N GLU A 51 21.82 -0.62 0.29
CA GLU A 51 21.62 -0.46 -1.19
CA GLU A 51 21.63 -0.47 -1.20
C GLU A 51 20.11 -0.38 -1.35
N TYR A 52 19.66 0.83 -1.52
CA TYR A 52 18.22 0.94 -1.73
C TYR A 52 18.18 0.97 -3.31
N ASN A 53 17.61 -0.08 -3.85
CA ASN A 53 17.01 -0.14 -5.21
C ASN A 53 15.49 0.09 -5.14
N ASP A 54 15.05 1.33 -5.49
CA ASP A 54 13.65 1.77 -5.65
C ASP A 54 13.17 1.41 -7.07
N LEU A 55 12.30 0.40 -7.20
CA LEU A 55 11.95 -0.26 -8.49
C LEU A 55 10.44 -0.32 -8.60
N GLY A 56 9.93 -0.41 -9.82
CA GLY A 56 8.54 -0.77 -10.11
C GLY A 56 8.26 -2.13 -9.48
N THR A 57 7.00 -2.39 -9.19
CA THR A 57 6.58 -3.63 -8.48
C THR A 57 6.90 -4.84 -9.38
N GLN A 58 6.66 -4.76 -10.70
CA GLN A 58 6.86 -5.91 -11.63
C GLN A 58 8.38 -6.13 -11.86
N ALA A 59 9.11 -5.01 -11.87
CA ALA A 59 10.58 -5.00 -11.91
C ALA A 59 11.16 -5.78 -10.73
N ILE A 60 10.66 -5.58 -9.52
CA ILE A 60 11.17 -6.25 -8.30
C ILE A 60 10.97 -7.76 -8.47
N TYR A 61 9.75 -8.15 -8.85
CA TYR A 61 9.32 -9.56 -8.98
C TYR A 61 10.18 -10.23 -10.06
N ASP A 62 10.25 -9.60 -11.23
CA ASP A 62 10.98 -10.16 -12.39
C ASP A 62 12.47 -10.35 -11.97
N ARG A 63 13.08 -9.21 -11.54
CA ARG A 63 14.52 -9.11 -11.22
C ARG A 63 14.91 -10.21 -10.25
N PHE A 64 14.22 -10.25 -9.10
CA PHE A 64 14.49 -11.23 -8.03
C PHE A 64 14.54 -12.67 -8.79
N VAL A 65 13.54 -12.95 -9.57
CA VAL A 65 13.12 -14.38 -9.95
C VAL A 65 14.23 -14.79 -10.94
N SER A 66 14.58 -13.80 -11.74
CA SER A 66 15.79 -13.99 -12.58
C SER A 66 17.01 -14.25 -11.61
N GLU A 67 17.33 -13.37 -10.66
CA GLU A 67 18.67 -13.45 -10.00
C GLU A 67 18.73 -14.78 -9.25
N THR A 68 17.54 -15.19 -8.76
CA THR A 68 17.53 -16.35 -7.86
C THR A 68 17.71 -17.69 -8.68
N ALA A 69 17.01 -17.76 -9.83
CA ALA A 69 17.08 -18.85 -10.88
C ALA A 69 18.49 -18.92 -11.52
N ALA A 70 19.05 -17.75 -11.86
CA ALA A 70 20.43 -17.63 -12.40
C ALA A 70 21.44 -17.95 -11.29
N GLY A 71 20.97 -18.12 -10.04
CA GLY A 71 21.77 -18.42 -8.86
C GLY A 71 22.62 -17.26 -8.35
N ALA A 72 22.37 -16.02 -8.78
CA ALA A 72 23.19 -14.82 -8.45
C ALA A 72 22.71 -14.14 -7.15
N SER A 73 23.69 -13.41 -6.51
CA SER A 73 23.36 -12.56 -5.32
C SER A 73 22.24 -11.59 -5.74
N SER A 74 21.08 -11.64 -5.04
CA SER A 74 19.93 -10.71 -5.27
C SER A 74 19.84 -9.78 -4.06
N ALA A 75 18.64 -9.28 -3.76
CA ALA A 75 18.35 -8.55 -2.48
C ALA A 75 18.57 -9.44 -1.26
N ASP A 76 18.88 -8.84 -0.09
CA ASP A 76 18.56 -9.34 1.26
C ASP A 76 17.10 -9.24 1.62
N LEU A 77 16.34 -8.15 1.27
CA LEU A 77 14.92 -7.87 1.74
C LEU A 77 14.11 -7.29 0.55
N LEU A 78 12.85 -7.71 0.41
CA LEU A 78 11.91 -7.32 -0.67
C LEU A 78 10.76 -6.58 0.04
N TRP A 79 10.44 -5.37 -0.41
CA TRP A 79 9.38 -4.51 0.19
C TRP A 79 8.56 -3.95 -0.94
N SER A 80 7.28 -4.35 -1.03
CA SER A 80 6.47 -4.04 -2.22
C SER A 80 5.00 -3.91 -1.88
N SER A 81 4.34 -2.95 -2.53
CA SER A 81 2.89 -2.79 -2.53
C SER A 81 2.20 -3.80 -3.42
N ALA A 82 2.90 -4.61 -4.22
CA ALA A 82 2.24 -5.65 -5.04
C ALA A 82 1.97 -6.85 -4.15
N MET A 83 0.84 -6.86 -3.48
CA MET A 83 0.63 -7.85 -2.38
C MET A 83 0.62 -9.26 -2.97
N GLU A 84 -0.09 -9.46 -4.08
CA GLU A 84 -0.24 -10.83 -4.65
C GLU A 84 1.13 -11.34 -5.08
N LEU A 85 2.01 -10.50 -5.65
CA LEU A 85 3.36 -10.95 -6.12
C LEU A 85 4.25 -11.27 -4.91
N GLN A 86 4.21 -10.44 -3.86
CA GLN A 86 4.96 -10.72 -2.61
C GLN A 86 4.44 -12.04 -2.01
N VAL A 87 3.14 -12.17 -1.84
CA VAL A 87 2.59 -13.42 -1.20
C VAL A 87 2.92 -14.62 -2.08
N LYS A 88 2.90 -14.44 -3.40
CA LYS A 88 3.29 -15.55 -4.33
C LYS A 88 4.74 -15.95 -4.04
N LEU A 89 5.68 -15.00 -4.03
CA LEU A 89 7.09 -15.33 -3.76
C LEU A 89 7.22 -16.02 -2.39
N ALA A 90 6.60 -15.44 -1.37
CA ALA A 90 6.75 -15.92 0.02
C ALA A 90 6.07 -17.27 0.21
N SER A 91 5.15 -17.70 -0.67
CA SER A 91 4.49 -19.02 -0.57
C SER A 91 5.07 -20.01 -1.61
N GLU A 92 6.20 -19.68 -2.23
CA GLU A 92 6.83 -20.55 -3.24
C GLU A 92 8.28 -20.82 -2.94
N GLY A 93 8.78 -20.48 -1.73
CA GLY A 93 10.11 -20.93 -1.26
C GLY A 93 11.15 -19.84 -1.26
N TYR A 94 10.74 -18.62 -1.60
CA TYR A 94 11.66 -17.46 -1.75
C TYR A 94 11.91 -16.78 -0.39
N ALA A 95 11.10 -17.05 0.65
CA ALA A 95 11.19 -16.26 1.92
C ALA A 95 11.92 -17.03 3.02
N LEU A 96 12.70 -16.30 3.79
CA LEU A 96 13.33 -16.77 5.04
C LEU A 96 12.30 -16.71 6.14
N PRO A 97 11.99 -17.85 6.78
CA PRO A 97 11.15 -17.87 7.96
C PRO A 97 11.83 -17.16 9.13
N TYR A 98 11.19 -16.14 9.68
CA TYR A 98 11.74 -15.29 10.76
C TYR A 98 10.58 -14.72 11.56
N ASP A 99 10.52 -15.04 12.85
CA ASP A 99 9.42 -14.58 13.76
C ASP A 99 9.82 -13.20 14.31
N SER A 100 9.32 -12.11 13.73
CA SER A 100 9.74 -10.75 14.16
C SER A 100 9.33 -10.46 15.60
N PRO A 101 10.27 -10.14 16.52
CA PRO A 101 9.94 -9.74 17.87
C PRO A 101 9.16 -8.41 17.93
N GLU A 102 8.99 -7.70 16.82
CA GLU A 102 8.26 -6.39 16.79
C GLU A 102 6.83 -6.64 16.31
N ALA A 103 6.54 -7.87 15.88
CA ALA A 103 5.25 -8.21 15.22
C ALA A 103 4.39 -9.05 16.16
N LYS A 104 4.73 -9.15 17.45
CA LYS A 104 3.98 -10.00 18.40
C LYS A 104 2.49 -9.66 18.34
N ASN A 105 2.10 -8.40 18.22
CA ASN A 105 0.65 -8.05 18.17
C ASN A 105 0.12 -7.87 16.75
N TRP A 106 0.85 -8.29 15.72
CA TRP A 106 0.29 -8.21 14.34
C TRP A 106 -0.92 -9.13 14.28
N PRO A 107 -2.03 -8.67 13.69
CA PRO A 107 -3.11 -9.61 13.39
C PRO A 107 -2.65 -10.73 12.48
N ALA A 108 -3.26 -11.91 12.59
CA ALA A 108 -2.92 -13.04 11.71
C ALA A 108 -3.02 -12.63 10.24
N ASN A 109 -3.95 -11.78 9.85
CA ASN A 109 -4.15 -11.42 8.44
C ASN A 109 -3.16 -10.32 8.03
N ALA A 110 -2.20 -9.99 8.88
CA ALA A 110 -1.18 -8.98 8.55
C ALA A 110 0.20 -9.68 8.46
N ARG A 111 0.24 -11.03 8.53
CA ARG A 111 1.55 -11.75 8.39
C ARG A 111 1.24 -13.10 7.77
N LEU A 112 2.14 -13.58 6.92
CA LEU A 112 2.05 -14.92 6.34
C LEU A 112 2.78 -15.87 7.28
N GLY A 113 2.20 -16.05 8.47
CA GLY A 113 2.95 -16.79 9.51
C GLY A 113 4.27 -16.09 9.81
N ASN A 114 5.40 -16.79 9.59
CA ASN A 114 6.75 -16.23 9.80
C ASN A 114 7.38 -15.88 8.45
N LEU A 115 6.60 -15.82 7.38
CA LEU A 115 7.22 -15.72 6.03
C LEU A 115 7.22 -14.29 5.50
N ALA A 116 6.25 -13.46 5.86
CA ALA A 116 6.14 -12.11 5.27
C ALA A 116 5.22 -11.30 6.18
N TYR A 117 5.42 -10.01 6.19
CA TYR A 117 4.76 -9.07 7.14
C TYR A 117 4.17 -7.85 6.41
N SER A 118 3.02 -7.41 6.87
CA SER A 118 2.48 -6.07 6.54
C SER A 118 3.36 -5.01 7.19
N THR A 119 3.63 -3.93 6.47
CA THR A 119 4.29 -2.71 6.98
C THR A 119 3.40 -1.48 6.93
N THR A 120 2.20 -1.57 6.37
CA THR A 120 1.34 -0.41 6.17
C THR A 120 -0.13 -0.84 6.20
N LEU A 121 -1.02 0.10 6.42
CA LEU A 121 -2.48 -0.16 6.32
C LEU A 121 -3.10 1.03 5.60
N GLU A 122 -3.19 1.00 4.28
CA GLU A 122 -3.34 2.23 3.48
C GLU A 122 -4.71 2.20 2.85
N PRO A 123 -5.61 3.13 3.25
CA PRO A 123 -6.96 3.09 2.73
C PRO A 123 -7.14 3.67 1.33
N ALA A 124 -8.00 3.05 0.55
CA ALA A 124 -8.51 3.61 -0.72
C ALA A 124 -9.50 4.68 -0.32
N VAL A 125 -9.27 5.88 -0.83
CA VAL A 125 -10.07 7.05 -0.37
C VAL A 125 -10.67 7.74 -1.58
N VAL A 126 -11.39 8.81 -1.32
CA VAL A 126 -11.87 9.71 -2.39
C VAL A 126 -11.01 10.95 -2.29
N VAL A 127 -10.54 11.44 -3.42
CA VAL A 127 -9.86 12.76 -3.42
CA VAL A 127 -9.77 12.70 -3.54
C VAL A 127 -10.61 13.68 -4.38
N TYR A 128 -10.55 14.95 -4.08
CA TYR A 128 -11.40 15.93 -4.81
C TYR A 128 -10.78 17.33 -4.70
N ASN A 129 -10.95 18.02 -5.90
CA ASN A 129 -10.54 19.45 -5.94
C ASN A 129 -11.59 20.29 -5.19
N LYS A 130 -11.21 20.92 -4.07
CA LYS A 130 -12.08 21.76 -3.19
C LYS A 130 -12.59 23.02 -3.92
N ARG A 131 -11.94 23.44 -5.00
CA ARG A 131 -12.42 24.59 -5.83
C ARG A 131 -13.72 24.23 -6.55
N PHE A 132 -14.02 22.94 -6.73
CA PHE A 132 -15.11 22.49 -7.64
C PHE A 132 -16.13 21.66 -6.86
N LEU A 133 -15.71 20.92 -5.84
CA LEU A 133 -16.61 20.14 -4.96
C LEU A 133 -16.22 20.52 -3.54
N LYS A 134 -17.14 21.08 -2.81
CA LYS A 134 -16.89 21.35 -1.38
C LYS A 134 -16.95 19.99 -0.65
N PRO A 135 -16.25 19.92 0.56
CA PRO A 135 -16.39 18.78 1.48
C PRO A 135 -17.85 18.31 1.66
N GLU A 136 -18.79 19.21 1.96
CA GLU A 136 -20.16 18.82 2.39
C GLU A 136 -20.96 18.12 1.26
N GLU A 137 -20.63 18.36 -0.03
CA GLU A 137 -21.30 17.66 -1.14
C GLU A 137 -20.49 16.45 -1.65
N VAL A 138 -19.30 16.15 -1.05
CA VAL A 138 -18.64 14.87 -1.46
C VAL A 138 -19.27 13.73 -0.62
N PRO A 139 -20.06 12.84 -1.31
CA PRO A 139 -20.50 11.56 -0.70
C PRO A 139 -19.36 10.71 -0.09
N THR A 140 -19.66 10.00 1.01
CA THR A 140 -18.67 9.07 1.65
C THR A 140 -19.13 7.63 1.50
N THR A 141 -19.97 7.37 0.52
CA THR A 141 -20.46 5.98 0.34
C THR A 141 -20.39 5.76 -1.17
N ARG A 142 -20.40 4.48 -1.56
CA ARG A 142 -20.54 4.04 -2.96
C ARG A 142 -21.89 4.44 -3.53
N GLU A 143 -22.99 4.30 -2.75
CA GLU A 143 -24.36 4.61 -3.23
C GLU A 143 -24.56 6.14 -3.48
N GLY A 144 -24.02 6.97 -2.59
CA GLY A 144 -24.02 8.43 -2.74
C GLY A 144 -23.16 8.88 -3.90
N LEU A 145 -21.95 8.30 -4.04
CA LEU A 145 -21.10 8.61 -5.21
C LEU A 145 -21.85 8.28 -6.51
N ALA A 146 -22.43 7.07 -6.64
CA ALA A 146 -23.18 6.70 -7.85
C ALA A 146 -24.24 7.80 -8.15
N ARG A 147 -24.83 8.37 -7.12
CA ARG A 147 -25.88 9.42 -7.28
C ARG A 147 -25.25 10.72 -7.80
N LEU A 148 -24.11 11.13 -7.23
CA LEU A 148 -23.42 12.37 -7.65
C LEU A 148 -23.09 12.24 -9.14
N LEU A 149 -22.50 11.06 -9.51
CA LEU A 149 -22.07 10.81 -10.91
C LEU A 149 -23.23 10.72 -11.91
N GLN A 150 -24.51 10.81 -11.49
CA GLN A 150 -25.61 11.01 -12.47
C GLN A 150 -25.62 12.45 -13.00
N GLU A 151 -25.02 13.37 -12.27
CA GLU A 151 -25.11 14.81 -12.59
C GLU A 151 -24.34 15.14 -13.85
N PRO A 152 -24.95 15.85 -14.82
CA PRO A 152 -24.24 16.35 -16.00
C PRO A 152 -23.01 17.20 -15.66
N ARG A 153 -23.05 18.01 -14.58
CA ARG A 153 -21.78 18.71 -14.19
C ARG A 153 -20.61 17.74 -13.89
N MET A 154 -20.83 16.44 -13.63
CA MET A 154 -19.74 15.47 -13.29
C MET A 154 -19.26 14.67 -14.51
N ARG A 155 -19.95 14.79 -15.64
CA ARG A 155 -19.55 14.01 -16.85
C ARG A 155 -18.13 14.45 -17.27
N GLY A 156 -17.22 13.47 -17.39
CA GLY A 156 -15.80 13.73 -17.68
C GLY A 156 -15.06 14.29 -16.48
N ARG A 157 -15.66 14.35 -15.29
CA ARG A 157 -15.03 14.97 -14.11
C ARG A 157 -14.68 13.94 -13.04
N VAL A 158 -14.50 12.66 -13.47
CA VAL A 158 -14.16 11.52 -12.55
C VAL A 158 -12.90 10.79 -13.04
N ALA A 159 -11.99 10.50 -12.14
CA ALA A 159 -10.83 9.59 -12.37
C ALA A 159 -10.95 8.35 -11.49
N THR A 160 -10.55 7.19 -12.00
CA THR A 160 -10.32 6.03 -11.15
C THR A 160 -9.20 5.22 -11.79
N TRP A 161 -8.89 4.09 -11.17
CA TRP A 161 -7.88 3.14 -11.69
C TRP A 161 -8.34 2.50 -12.98
N ASP A 162 -7.35 2.21 -13.82
CA ASP A 162 -7.49 1.20 -14.91
C ASP A 162 -6.99 -0.15 -14.42
N PRO A 163 -7.91 -1.07 -14.01
CA PRO A 163 -7.48 -2.35 -13.41
C PRO A 163 -6.82 -3.25 -14.46
N GLU A 164 -6.90 -2.86 -15.73
CA GLU A 164 -6.27 -3.63 -16.84
C GLU A 164 -4.85 -3.13 -17.11
N ARG A 165 -4.45 -1.96 -16.60
CA ARG A 165 -3.10 -1.42 -16.83
C ARG A 165 -2.34 -1.22 -15.50
N SER A 166 -2.97 -1.43 -14.33
CA SER A 166 -2.37 -1.25 -12.98
C SER A 166 -2.65 -2.47 -12.11
N ALA A 167 -1.59 -3.14 -11.63
CA ALA A 167 -1.70 -4.27 -10.69
C ALA A 167 -2.34 -3.78 -9.39
N VAL A 168 -1.95 -2.58 -8.89
CA VAL A 168 -2.45 -2.15 -7.57
C VAL A 168 -3.91 -1.72 -7.79
N GLY A 169 -4.17 -1.04 -8.90
CA GLY A 169 -5.55 -0.64 -9.25
C GLY A 169 -6.45 -1.86 -9.33
N PHE A 170 -5.99 -2.93 -9.98
CA PHE A 170 -6.73 -4.22 -10.02
C PHE A 170 -6.99 -4.71 -8.61
N THR A 171 -5.96 -4.80 -7.76
CA THR A 171 -6.13 -5.36 -6.41
C THR A 171 -7.22 -4.58 -5.65
N ILE A 172 -7.15 -3.25 -5.73
CA ILE A 172 -8.03 -2.41 -4.87
C ILE A 172 -9.46 -2.46 -5.46
N LEU A 173 -9.64 -2.36 -6.77
CA LEU A 173 -11.03 -2.39 -7.32
C LEU A 173 -11.61 -3.81 -7.16
N LYS A 174 -10.78 -4.82 -7.38
CA LYS A 174 -11.26 -6.21 -7.17
C LYS A 174 -11.76 -6.38 -5.72
N ALA A 175 -11.02 -5.91 -4.71
CA ALA A 175 -11.36 -6.03 -3.28
C ALA A 175 -12.68 -5.33 -3.04
N ASP A 176 -12.83 -4.16 -3.68
CA ASP A 176 -14.08 -3.37 -3.63
C ASP A 176 -15.24 -4.22 -4.17
N TYR A 177 -15.10 -4.71 -5.40
CA TYR A 177 -16.08 -5.60 -6.09
C TYR A 177 -16.48 -6.80 -5.21
N ASP A 178 -15.49 -7.50 -4.66
CA ASP A 178 -15.67 -8.74 -3.82
C ASP A 178 -16.37 -8.42 -2.49
N ARG A 179 -16.16 -7.23 -1.88
CA ARG A 179 -16.58 -6.92 -0.49
CA ARG A 179 -16.60 -6.95 -0.49
C ARG A 179 -17.90 -6.14 -0.48
N PHE A 180 -18.14 -5.27 -1.49
CA PHE A 180 -19.29 -4.31 -1.46
C PHE A 180 -20.21 -4.41 -2.66
N PRO A 181 -21.42 -4.97 -2.49
CA PRO A 181 -22.33 -5.01 -3.62
C PRO A 181 -22.55 -3.63 -4.28
N ALA A 182 -22.57 -2.56 -3.47
CA ALA A 182 -22.80 -1.18 -3.98
C ALA A 182 -21.70 -0.77 -4.98
N PHE A 183 -20.53 -1.42 -4.99
CA PHE A 183 -19.47 -1.11 -6.00
C PHE A 183 -20.00 -1.32 -7.41
N GLN A 184 -20.96 -2.24 -7.64
CA GLN A 184 -21.48 -2.50 -9.01
C GLN A 184 -22.33 -1.31 -9.51
N GLU A 185 -23.11 -0.69 -8.64
CA GLU A 185 -23.86 0.54 -8.97
C GLU A 185 -22.85 1.66 -9.27
N LEU A 186 -21.81 1.78 -8.46
CA LEU A 186 -20.77 2.82 -8.63
C LEU A 186 -20.06 2.61 -9.97
N ALA A 187 -19.72 1.36 -10.31
CA ALA A 187 -18.96 1.07 -11.55
C ALA A 187 -19.84 1.48 -12.75
N ARG A 188 -21.13 1.18 -12.67
CA ARG A 188 -22.06 1.61 -13.73
C ARG A 188 -22.03 3.14 -13.82
N ALA A 189 -21.99 3.83 -12.69
CA ALA A 189 -22.02 5.31 -12.61
C ALA A 189 -20.71 5.88 -13.19
N PHE A 190 -19.59 5.19 -13.05
CA PHE A 190 -18.38 5.57 -13.81
C PHE A 190 -18.67 5.53 -15.32
N GLY A 191 -19.36 4.49 -15.84
CA GLY A 191 -19.78 4.46 -17.25
C GLY A 191 -20.60 5.72 -17.56
N LYS A 192 -21.57 6.02 -16.71
CA LYS A 192 -22.50 7.17 -16.93
C LYS A 192 -21.71 8.48 -16.99
N ALA A 193 -20.77 8.64 -16.07
CA ALA A 193 -20.01 9.90 -15.90
C ALA A 193 -18.83 9.99 -16.92
N GLN A 194 -18.61 8.92 -17.68
CA GLN A 194 -17.44 8.72 -18.61
C GLN A 194 -16.11 8.85 -17.81
N ALA A 195 -16.04 8.15 -16.70
CA ALA A 195 -14.81 8.12 -15.88
C ALA A 195 -13.62 7.94 -16.85
N ALA A 196 -12.55 8.65 -16.58
CA ALA A 196 -11.21 8.37 -17.18
C ALA A 196 -10.45 7.43 -16.25
N LEU A 197 -9.73 6.44 -16.82
CA LEU A 197 -9.03 5.37 -16.08
C LEU A 197 -7.53 5.63 -16.21
N TYR A 198 -6.85 5.55 -15.09
CA TYR A 198 -5.41 5.88 -14.98
C TYR A 198 -4.67 4.67 -14.45
N SER A 199 -3.48 4.50 -14.97
CA SER A 199 -2.56 3.40 -14.61
C SER A 199 -1.61 3.88 -13.51
N SER A 200 -1.57 5.18 -13.22
CA SER A 200 -0.76 5.75 -12.10
C SER A 200 -1.54 6.77 -11.28
N THR A 201 -1.29 6.83 -9.97
CA THR A 201 -1.85 7.89 -9.07
C THR A 201 -1.45 9.26 -9.59
N GLY A 202 -0.18 9.42 -9.96
CA GLY A 202 0.22 10.78 -10.35
C GLY A 202 -0.74 11.24 -11.40
N ALA A 203 -1.11 10.41 -12.39
CA ALA A 203 -1.63 10.85 -13.79
C ALA A 203 -3.01 11.34 -13.41
N ALA A 204 -3.55 10.59 -12.48
CA ALA A 204 -4.93 10.87 -11.99
C ALA A 204 -4.90 12.22 -11.23
N PHE A 205 -3.92 12.36 -10.33
CA PHE A 205 -3.95 13.47 -9.32
C PHE A 205 -3.70 14.77 -10.08
N GLU A 206 -2.86 14.72 -11.11
CA GLU A 206 -2.49 15.91 -11.91
C GLU A 206 -3.70 16.56 -12.62
N LYS A 207 -4.64 15.68 -13.06
CA LYS A 207 -5.98 16.02 -13.69
C LYS A 207 -7.02 16.47 -12.64
N VAL A 208 -6.95 15.96 -11.42
CA VAL A 208 -7.80 16.50 -10.33
C VAL A 208 -7.30 17.90 -9.94
N ILE A 209 -5.99 18.07 -9.81
CA ILE A 209 -5.41 19.37 -9.36
C ILE A 209 -5.67 20.47 -10.40
N SER A 210 -5.65 20.17 -11.70
CA SER A 210 -5.90 21.15 -12.79
C SER A 210 -7.38 21.46 -12.88
N GLY A 211 -8.22 20.58 -12.33
CA GLY A 211 -9.68 20.66 -12.39
C GLY A 211 -10.23 19.98 -13.63
N GLU A 212 -9.36 19.43 -14.53
CA GLU A 212 -9.88 18.62 -15.67
C GLU A 212 -10.76 17.48 -15.13
N HIS A 213 -10.47 16.99 -13.92
CA HIS A 213 -11.41 16.13 -13.12
C HIS A 213 -11.73 16.91 -11.83
N TYR A 214 -12.83 16.51 -11.14
CA TYR A 214 -13.15 17.09 -9.82
C TYR A 214 -12.96 16.03 -8.73
N LEU A 215 -12.78 14.70 -9.15
CA LEU A 215 -12.98 13.61 -8.12
C LEU A 215 -12.24 12.38 -8.65
N ALA A 216 -11.57 11.75 -7.75
CA ALA A 216 -10.84 10.50 -8.08
C ALA A 216 -11.21 9.49 -7.03
N TYR A 217 -11.53 8.29 -7.46
CA TYR A 217 -11.96 7.20 -6.56
C TYR A 217 -10.87 6.11 -6.54
N GLY A 218 -10.44 5.69 -5.34
CA GLY A 218 -9.75 4.40 -5.16
C GLY A 218 -8.26 4.55 -4.97
N PHE A 219 -7.79 5.78 -5.06
CA PHE A 219 -6.36 6.08 -4.84
C PHE A 219 -6.14 6.08 -3.33
N PHE A 220 -4.88 5.92 -2.93
CA PHE A 220 -4.57 5.66 -1.52
C PHE A 220 -4.31 6.92 -0.72
N GLY A 221 -4.70 6.84 0.53
CA GLY A 221 -4.64 7.97 1.47
C GLY A 221 -3.22 8.44 1.65
N SER A 222 -2.22 7.56 1.63
CA SER A 222 -0.78 7.93 1.74
C SER A 222 -0.38 8.91 0.64
N ALA A 223 -0.66 8.60 -0.63
CA ALA A 223 -0.37 9.55 -1.73
C ALA A 223 -1.19 10.81 -1.59
N ALA A 224 -2.48 10.70 -1.23
CA ALA A 224 -3.25 11.93 -1.10
C ALA A 224 -2.51 12.81 -0.03
N LEU A 225 -2.19 12.26 1.12
CA LEU A 225 -1.75 13.15 2.29
C LEU A 225 -0.45 13.83 1.89
N LEU A 226 0.36 13.05 1.23
CA LEU A 226 1.65 13.57 0.72
C LEU A 226 1.34 14.71 -0.26
N ARG A 227 0.41 14.54 -1.21
CA ARG A 227 0.19 15.63 -2.20
C ARG A 227 -0.47 16.84 -1.51
N GLN A 228 -1.26 16.62 -0.47
CA GLN A 228 -2.06 17.67 0.22
C GLN A 228 -1.13 18.55 1.07
N ARG A 229 0.01 18.00 1.49
CA ARG A 229 1.05 18.74 2.26
C ARG A 229 1.40 19.99 1.45
N THR A 230 1.40 19.92 0.11
CA THR A 230 1.75 21.07 -0.79
C THR A 230 0.60 21.57 -1.68
N VAL A 231 -0.56 20.90 -1.72
CA VAL A 231 -1.77 21.35 -2.48
C VAL A 231 -2.95 21.36 -1.52
N LYS A 232 -3.27 22.55 -0.98
CA LYS A 232 -4.36 22.73 0.01
C LYS A 232 -5.73 22.65 -0.70
N ASP A 233 -5.78 22.69 -2.05
CA ASP A 233 -7.06 22.51 -2.81
C ASP A 233 -7.43 21.02 -2.92
N LEU A 234 -6.54 20.11 -2.53
CA LEU A 234 -6.82 18.67 -2.63
C LEU A 234 -7.52 18.20 -1.37
N GLY A 235 -8.74 17.72 -1.49
CA GLY A 235 -9.50 17.22 -0.34
C GLY A 235 -9.51 15.71 -0.31
N ILE A 236 -9.63 15.13 0.87
CA ILE A 236 -9.71 13.68 1.09
C ILE A 236 -11.04 13.39 1.79
N ALA A 237 -11.79 12.44 1.27
CA ALA A 237 -13.00 11.89 1.94
C ALA A 237 -12.80 10.40 2.16
N TYR A 238 -13.03 9.94 3.39
CA TYR A 238 -12.99 8.51 3.78
C TYR A 238 -14.39 7.91 3.60
N LEU A 239 -14.45 6.74 2.99
CA LEU A 239 -15.72 6.00 2.78
C LEU A 239 -16.20 5.43 4.11
N THR A 240 -17.43 5.72 4.46
CA THR A 240 -18.01 5.32 5.76
C THR A 240 -18.93 4.09 5.58
N ASP A 241 -19.12 3.64 4.32
CA ASP A 241 -19.90 2.39 4.09
C ASP A 241 -18.94 1.22 4.00
N GLY A 242 -17.67 1.46 4.20
CA GLY A 242 -16.65 0.40 4.16
C GLY A 242 -15.46 0.86 3.33
N THR A 243 -14.27 0.59 3.81
CA THR A 243 -13.01 1.05 3.21
C THR A 243 -12.09 -0.17 3.02
N VAL A 244 -11.52 -0.29 1.87
CA VAL A 244 -10.51 -1.33 1.54
CA VAL A 244 -10.51 -1.36 1.63
C VAL A 244 -9.13 -0.72 1.80
N ALA A 245 -8.22 -1.51 2.33
CA ALA A 245 -6.87 -1.03 2.66
C ALA A 245 -5.85 -2.02 2.14
N ILE A 246 -4.83 -1.51 1.47
CA ILE A 246 -3.68 -2.35 1.01
C ILE A 246 -2.61 -2.33 2.09
N GLN A 247 -1.71 -3.31 2.02
CA GLN A 247 -0.62 -3.47 3.01
C GLN A 247 0.67 -3.72 2.22
N ARG A 248 1.65 -2.84 2.35
CA ARG A 248 2.96 -3.08 1.70
C ARG A 248 3.60 -4.25 2.42
N VAL A 249 4.00 -5.27 1.67
CA VAL A 249 4.50 -6.54 2.23
C VAL A 249 6.02 -6.53 2.21
N ALA A 250 6.63 -6.84 3.33
CA ALA A 250 8.08 -7.07 3.44
C ALA A 250 8.40 -8.53 3.78
N PHE A 251 9.50 -9.06 3.16
CA PHE A 251 10.00 -10.41 3.54
C PHE A 251 11.51 -10.46 3.24
N ILE A 252 12.17 -11.38 3.94
CA ILE A 252 13.62 -11.57 3.84
C ILE A 252 13.87 -12.66 2.81
N ASN A 253 14.74 -12.36 1.87
CA ASN A 253 15.21 -13.42 0.95
C ASN A 253 15.74 -14.64 1.74
N LYS A 254 15.18 -15.84 1.47
CA LYS A 254 15.69 -17.17 1.94
C LYS A 254 17.22 -17.21 1.69
N ARG A 255 17.59 -16.77 0.52
CA ARG A 255 18.99 -16.82 0.05
C ARG A 255 19.64 -15.45 0.29
N ALA A 256 19.12 -14.63 1.22
CA ALA A 256 19.78 -13.33 1.53
C ALA A 256 21.22 -13.63 1.98
N ALA A 257 22.23 -12.89 1.43
CA ALA A 257 23.71 -12.92 1.75
C ALA A 257 24.08 -12.22 3.14
N HIS A 258 23.27 -11.22 3.49
CA HIS A 258 23.22 -10.57 4.82
C HIS A 258 21.81 -10.68 5.40
N PRO A 259 21.34 -11.91 5.78
CA PRO A 259 20.02 -12.12 6.38
C PRO A 259 19.84 -11.38 7.72
N ASN A 260 20.92 -11.16 8.47
CA ASN A 260 20.79 -10.70 9.89
C ASN A 260 20.50 -9.20 9.83
N ALA A 261 21.25 -8.46 8.98
CA ALA A 261 20.84 -7.08 8.56
C ALA A 261 19.30 -7.04 8.21
N ALA A 262 18.94 -7.92 7.24
CA ALA A 262 17.54 -7.88 6.77
C ALA A 262 16.63 -7.98 8.00
N LYS A 263 16.95 -8.82 8.98
CA LYS A 263 16.12 -8.95 10.21
C LYS A 263 16.11 -7.59 10.92
N LEU A 264 17.29 -6.95 11.07
CA LEU A 264 17.40 -5.68 11.87
C LEU A 264 16.66 -4.51 11.17
N PHE A 265 16.82 -4.46 9.85
CA PHE A 265 15.84 -3.58 8.97
C PHE A 265 14.34 -3.97 9.10
N LEU A 266 13.99 -5.27 9.01
CA LEU A 266 12.52 -5.66 9.05
C LEU A 266 11.95 -5.24 10.42
N ASP A 267 12.65 -5.61 11.50
CA ASP A 267 12.20 -5.31 12.89
C ASP A 267 12.05 -3.80 13.05
N TYR A 268 13.00 -3.04 12.49
CA TYR A 268 12.92 -1.56 12.52
C TYR A 268 11.66 -1.04 11.80
N LEU A 269 11.41 -1.51 10.57
CA LEU A 269 10.14 -1.15 9.81
C LEU A 269 8.90 -1.40 10.68
N LEU A 270 8.86 -2.52 11.38
CA LEU A 270 7.61 -2.93 12.11
C LEU A 270 7.54 -2.27 13.48
N SER A 271 8.65 -1.79 14.02
CA SER A 271 8.72 -1.18 15.37
C SER A 271 7.87 0.10 15.41
N LEU A 272 7.53 0.53 16.60
CA LEU A 272 6.87 1.83 16.80
C LEU A 272 7.79 2.96 16.32
N ARG A 273 9.11 2.87 16.57
CA ARG A 273 10.00 3.95 16.07
C ARG A 273 9.85 4.12 14.56
N GLY A 274 9.99 3.03 13.79
CA GLY A 274 9.94 3.05 12.32
C GLY A 274 8.56 3.43 11.85
N GLN A 275 7.54 2.81 12.42
CA GLN A 275 6.12 3.08 12.03
C GLN A 275 5.78 4.54 12.33
N ASN A 276 6.19 5.03 13.50
CA ASN A 276 5.98 6.46 13.86
C ASN A 276 6.61 7.34 12.77
N LEU A 277 7.84 7.06 12.35
CA LEU A 277 8.61 7.97 11.49
C LEU A 277 8.05 7.91 10.07
N MET A 278 7.60 6.70 9.69
CA MET A 278 6.94 6.49 8.40
C MET A 278 5.63 7.28 8.36
N ALA A 279 4.77 7.20 9.38
CA ALA A 279 3.51 7.98 9.43
C ALA A 279 3.82 9.48 9.43
N TYR A 280 4.78 9.90 10.25
CA TYR A 280 5.03 11.34 10.54
C TYR A 280 5.79 12.02 9.38
N THR A 281 6.81 11.36 8.84
CA THR A 281 7.63 11.99 7.78
C THR A 281 7.00 11.66 6.41
N ALA A 282 6.77 10.38 6.14
CA ALA A 282 6.46 9.97 4.76
C ALA A 282 4.97 10.12 4.51
N LEU A 283 4.16 10.20 5.55
CA LEU A 283 2.66 10.24 5.44
C LEU A 283 2.15 8.94 4.81
N ILE A 284 2.93 7.87 4.98
CA ILE A 284 2.46 6.50 4.62
C ILE A 284 1.67 5.94 5.82
N PHE A 285 0.41 5.57 5.61
CA PHE A 285 -0.46 5.03 6.69
C PHE A 285 0.17 3.80 7.36
N ALA A 286 0.50 3.92 8.65
CA ALA A 286 1.13 2.88 9.45
C ALA A 286 0.24 1.64 9.62
N ARG A 287 0.89 0.48 9.83
CA ARG A 287 0.23 -0.78 10.23
C ARG A 287 0.05 -0.80 11.74
N ARG A 288 0.97 -0.26 12.53
CA ARG A 288 1.00 -0.51 13.98
C ARG A 288 -0.06 0.36 14.64
N GLU A 289 -0.86 -0.25 15.50
CA GLU A 289 -2.10 0.42 16.00
C GLU A 289 -1.79 1.49 17.04
N THR A 290 -0.56 1.53 17.57
CA THR A 290 -0.18 2.50 18.62
C THR A 290 0.39 3.80 18.05
N VAL A 291 0.49 3.93 16.73
CA VAL A 291 1.06 5.20 16.16
C VAL A 291 0.04 6.34 16.30
N VAL A 292 0.52 7.49 16.71
CA VAL A 292 -0.28 8.73 16.91
C VAL A 292 -0.05 9.66 15.72
N GLY A 293 -1.11 9.99 15.01
CA GLY A 293 -1.04 10.98 13.92
C GLY A 293 -2.03 10.67 12.83
N GLU A 294 -2.01 11.46 11.74
CA GLU A 294 -3.11 11.42 10.74
C GLU A 294 -3.03 10.12 9.94
N ALA A 295 -1.83 9.68 9.58
CA ALA A 295 -1.63 8.53 8.69
C ALA A 295 -1.48 7.27 9.57
N THR A 296 -2.53 6.95 10.32
CA THR A 296 -2.46 5.87 11.31
C THR A 296 -3.75 5.10 11.37
N PRO A 297 -3.70 3.84 11.85
CA PRO A 297 -4.94 3.08 12.04
C PRO A 297 -5.97 3.80 12.91
N GLN A 298 -5.55 4.36 14.06
CA GLN A 298 -6.51 5.06 14.95
C GLN A 298 -7.24 6.15 14.15
N ALA A 299 -6.52 6.98 13.41
CA ALA A 299 -7.11 8.10 12.62
C ALA A 299 -8.02 7.51 11.54
N LEU A 300 -7.58 6.49 10.80
CA LEU A 300 -8.40 5.85 9.75
C LEU A 300 -9.72 5.37 10.37
N TYR A 301 -9.63 4.62 11.47
CA TYR A 301 -10.83 4.00 12.11
C TYR A 301 -11.82 5.09 12.53
N LYS A 302 -11.30 6.19 13.08
CA LYS A 302 -12.13 7.35 13.47
C LYS A 302 -12.81 7.92 12.23
N ALA A 303 -12.07 8.12 11.13
CA ALA A 303 -12.56 8.73 9.88
C ALA A 303 -13.68 7.87 9.26
N VAL A 304 -13.60 6.55 9.31
CA VAL A 304 -14.54 5.70 8.52
C VAL A 304 -15.73 5.31 9.41
N GLY A 305 -15.67 5.59 10.71
CA GLY A 305 -16.77 5.28 11.64
C GLY A 305 -16.58 3.96 12.36
N GLY A 306 -15.35 3.46 12.46
CA GLY A 306 -15.03 2.28 13.26
C GLY A 306 -14.10 1.31 12.56
N LYS A 307 -13.32 0.59 13.34
CA LYS A 307 -12.39 -0.43 12.80
C LYS A 307 -13.16 -1.46 11.97
N ASP A 308 -14.41 -1.76 12.36
CA ASP A 308 -15.22 -2.84 11.71
C ASP A 308 -15.69 -2.40 10.26
N LYS A 309 -15.40 -1.15 9.88
CA LYS A 309 -15.64 -0.65 8.50
C LYS A 309 -14.39 -0.74 7.60
N VAL A 310 -13.23 -1.15 8.14
CA VAL A 310 -12.01 -1.31 7.32
C VAL A 310 -11.81 -2.79 6.98
N TYR A 311 -11.69 -3.07 5.68
CA TYR A 311 -11.33 -4.42 5.19
C TYR A 311 -9.88 -4.34 4.72
N ALA A 312 -8.98 -4.85 5.54
CA ALA A 312 -7.56 -4.99 5.17
C ALA A 312 -7.40 -6.11 4.15
N ILE A 313 -6.85 -5.84 2.98
CA ILE A 313 -6.53 -6.93 2.03
C ILE A 313 -5.45 -7.73 2.73
N PRO A 314 -5.65 -9.04 2.99
CA PRO A 314 -4.76 -9.73 3.91
C PRO A 314 -3.44 -10.17 3.29
N VAL A 315 -2.46 -10.30 4.18
CA VAL A 315 -1.13 -10.83 3.83
C VAL A 315 -1.28 -12.35 3.91
N SER A 316 -1.92 -12.91 2.90
CA SER A 316 -2.50 -14.28 2.92
C SER A 316 -2.52 -14.85 1.49
N THR A 317 -2.29 -16.14 1.37
CA THR A 317 -2.38 -16.82 0.05
C THR A 317 -3.80 -16.81 -0.47
N GLU A 318 -4.79 -16.45 0.36
CA GLU A 318 -6.19 -16.34 -0.13
C GLU A 318 -6.28 -15.28 -1.23
N ILE A 319 -5.39 -14.31 -1.25
CA ILE A 319 -5.50 -13.19 -2.23
C ILE A 319 -5.03 -13.69 -3.59
N LEU A 320 -4.39 -14.87 -3.67
CA LEU A 320 -3.89 -15.38 -4.96
C LEU A 320 -5.06 -15.80 -5.86
N LYS A 321 -6.28 -15.82 -5.34
CA LYS A 321 -7.48 -15.93 -6.24
C LYS A 321 -7.44 -14.82 -7.30
N ASN A 322 -6.86 -13.67 -6.97
CA ASN A 322 -6.80 -12.50 -7.89
C ASN A 322 -6.02 -12.84 -9.14
N LEU A 323 -5.13 -13.85 -9.09
CA LEU A 323 -4.28 -14.28 -10.23
C LEU A 323 -4.98 -15.35 -11.06
N ASP A 324 -6.10 -15.88 -10.60
CA ASP A 324 -6.82 -16.96 -11.30
C ASP A 324 -7.48 -16.40 -12.56
N PRO A 325 -7.19 -16.93 -13.77
CA PRO A 325 -7.73 -16.36 -15.02
C PRO A 325 -9.29 -16.37 -15.29
N ALA A 326 -9.99 -17.36 -14.73
CA ALA A 326 -11.51 -17.31 -14.60
C ALA A 326 -11.94 -16.16 -13.65
N GLU A 327 -11.29 -15.99 -12.49
CA GLU A 327 -11.67 -15.00 -11.43
C GLU A 327 -11.37 -13.51 -11.89
N ARG A 328 -10.25 -13.31 -12.56
CA ARG A 328 -9.96 -12.04 -13.31
C ARG A 328 -11.01 -11.83 -14.43
N MET A 329 -11.26 -12.86 -15.21
CA MET A 329 -12.23 -12.85 -16.35
C MET A 329 -13.59 -12.31 -15.88
N ARG A 330 -14.16 -12.89 -14.81
CA ARG A 330 -15.49 -12.49 -14.23
C ARG A 330 -15.48 -11.01 -13.81
N PHE A 331 -14.53 -10.59 -13.00
CA PHE A 331 -14.42 -9.18 -12.55
C PHE A 331 -14.19 -8.24 -13.75
N LEU A 332 -13.28 -8.60 -14.68
CA LEU A 332 -12.93 -7.62 -15.75
C LEU A 332 -14.11 -7.56 -16.73
N THR A 333 -14.87 -8.64 -16.90
CA THR A 333 -16.10 -8.65 -17.75
C THR A 333 -17.09 -7.63 -17.22
N PHE A 334 -17.34 -7.71 -15.92
CA PHE A 334 -18.32 -6.83 -15.25
C PHE A 334 -17.82 -5.40 -15.42
N TRP A 335 -16.54 -5.18 -15.07
CA TRP A 335 -15.92 -3.83 -15.06
C TRP A 335 -16.00 -3.18 -16.43
N ARG A 336 -15.54 -3.86 -17.47
CA ARG A 336 -15.46 -3.21 -18.79
C ARG A 336 -16.88 -2.84 -19.29
N GLN A 337 -17.87 -3.68 -18.99
CA GLN A 337 -19.28 -3.46 -19.41
C GLN A 337 -19.79 -2.23 -18.63
N ALA A 338 -19.56 -2.18 -17.33
CA ALA A 338 -20.07 -1.13 -16.44
C ALA A 338 -19.45 0.21 -16.85
N VAL A 339 -18.13 0.30 -17.08
CA VAL A 339 -17.43 1.62 -17.21
C VAL A 339 -17.33 2.07 -18.69
N ARG A 340 -17.66 1.24 -19.69
CA ARG A 340 -17.61 1.57 -21.15
C ARG A 340 -18.93 1.21 -21.83
NA NA B . -0.63 -15.48 10.24
NA NA C . 2.28 7.82 -9.55
S SO4 D . -23.39 9.86 1.47
O1 SO4 D . -24.27 10.89 0.97
O2 SO4 D . -24.09 8.97 2.36
O3 SO4 D . -22.31 10.52 2.18
O4 SO4 D . -22.88 9.11 0.36
C CO2 E . -4.34 -12.92 15.34
O1 CO2 E . -3.37 -13.44 15.79
O2 CO2 E . -5.12 -12.28 14.75
C1 EDO F . -16.44 -4.20 6.16
O1 EDO F . -15.60 -3.21 5.56
C2 EDO F . -17.66 -3.67 6.86
O2 EDO F . -18.45 -2.74 6.12
C1 EDO G . -20.66 -9.17 -4.54
O1 EDO G . -20.23 -8.35 -3.46
C2 EDO G . -19.59 -10.05 -5.07
O2 EDO G . -19.48 -10.05 -6.48
C1 EDO H . 13.43 -21.13 -6.03
O1 EDO H . 12.88 -20.95 -4.74
C2 EDO H . 12.67 -22.12 -6.83
O2 EDO H . 11.60 -21.57 -7.54
C1 EDO I . -2.92 -6.97 -12.75
O1 EDO I . -3.31 -7.74 -11.60
C2 EDO I . -4.06 -6.21 -13.35
O2 EDO I . -3.81 -5.48 -14.53
C1 PEG J . 0.24 2.08 -2.28
O1 PEG J . -0.36 3.09 -1.45
C2 PEG J . 1.36 2.59 -3.16
O2 PEG J . 0.87 3.05 -4.41
C3 PEG J . -0.17 4.03 -4.32
C4 PEG J . 0.33 5.34 -3.75
O4 PEG J . -0.18 5.63 -2.44
O1 BGQ K . 4.12 -2.79 22.39
C1 BGQ K . 3.02 -3.61 21.93
C2 BGQ K . 1.84 -2.77 21.44
O2 BGQ K . 1.44 -3.09 20.08
C3 BGQ K . 2.22 -1.31 21.45
C4 BGQ K . 3.53 -1.08 20.77
O4 BGQ K . 3.52 0.00 19.85
C1 1MI L . 3.37 7.20 21.04
C2 1MI L . 3.81 9.16 19.55
C3 1MI L . 3.51 6.89 18.50
C4 1MI L . 2.95 5.72 21.12
O2 1MI L . 1.55 5.48 21.25
C 1MI L . 4.02 7.66 19.74
O1 1MI L . 3.47 7.66 17.30
O 1MI L . 3.97 9.85 20.81
AS CAC M . 1.49 4.63 -8.37
O1 CAC M . -0.12 4.66 -9.00
O2 CAC M . 2.54 5.53 -9.45
C1 CAC M . 1.63 5.51 -6.63
C2 CAC M . 2.14 2.77 -8.25
#